data_3X25
#
_entry.id   3X25
#
_cell.length_a   114.178
_cell.length_b   60.002
_cell.length_c   81.740
_cell.angle_alpha   90.00
_cell.angle_beta   125.07
_cell.angle_gamma   90.00
#
_symmetry.space_group_name_H-M   'C 1 2 1'
#
loop_
_entity.id
_entity.type
_entity.pdbx_description
1 polymer 'Nitrile hydratase subunit alpha'
2 polymer 'Nitrile hydratase subunit beta'
3 non-polymer 'FE (III) ION'
4 non-polymer 2,2-dimethylpropanenitrile
5 non-polymer 'CHLORIDE ION'
6 non-polymer 'MAGNESIUM ION'
7 water water
#
loop_
_entity_poly.entity_id
_entity_poly.type
_entity_poly.pdbx_seq_one_letter_code
_entity_poly.pdbx_strand_id
1 'polypeptide(L)'
;MSVTIDHTTENAAPAQAPVSDRAWALFRALDGKGLVPDGYVEGWKKTFEEDFSPRRGAELVARAWTDPEFRQLLLTDGTA
AVAQYGYLGPQGEYIVAVEDTPTLKNVIVCSL(CSD)S(CSO)TAWPILGLPPTWYKSFEYRARVVREPRKVLSEMGTEI
ASDIEIRVYDTTAETRYMVLPQRPAGTEGWSQEQLQEIVTKDCLIGVAIPQVPTV
;
A
2 'polypeptide(L)'
;MDGVHDLAGVQGFGKVPHTVNADIGPTFHAEWEHLPYSLMFAGVAELGAFSVDEVKYVVERMEPRHYMMTPYYERYVIGV
ATLMVEKGILTQDELESLAGGPFPLSRPSESEGRPAPVETTTFEVGQRVRVRDEYVPGHIRMPAYCRGRVGTISHRTTEK
WPFPDAIGHGRNDAGEEPTYHVKFAAEELFGSDTDGGSVVVDLFEGYLEPAA
;
B
#
loop_
_chem_comp.id
_chem_comp.type
_chem_comp.name
_chem_comp.formula
CL non-polymer 'CHLORIDE ION' 'Cl -1'
FE non-polymer 'FE (III) ION' 'Fe 3'
MG non-polymer 'MAGNESIUM ION' 'Mg 2'
TAN non-polymer 2,2-dimethylpropanenitrile 'C5 H9 N'
#
# COMPACT_ATOMS: atom_id res chain seq x y z
N GLU A 10 30.62 -0.20 -13.41
CA GLU A 10 29.94 -1.29 -12.62
C GLU A 10 28.90 -0.61 -11.76
N ASN A 11 27.68 -1.19 -11.77
CA ASN A 11 26.57 -0.73 -10.94
C ASN A 11 26.04 0.63 -11.35
N ALA A 12 26.40 1.14 -12.50
CA ALA A 12 25.98 2.46 -12.92
C ALA A 12 24.52 2.52 -13.36
N ALA A 13 23.91 3.65 -13.25
CA ALA A 13 22.54 3.82 -13.78
C ALA A 13 22.52 3.69 -15.29
N PRO A 14 21.37 3.21 -15.82
CA PRO A 14 21.24 3.20 -17.27
C PRO A 14 21.00 4.61 -17.78
N ALA A 15 21.38 4.84 -19.02
CA ALA A 15 20.98 6.09 -19.66
C ALA A 15 19.47 6.22 -19.76
N GLN A 16 18.94 7.42 -19.42
CA GLN A 16 17.51 7.65 -19.47
C GLN A 16 17.24 9.08 -19.92
N ALA A 17 16.26 9.23 -20.80
CA ALA A 17 15.74 10.57 -21.08
C ALA A 17 15.17 11.15 -19.81
N PRO A 18 14.99 12.47 -19.71
CA PRO A 18 14.37 13.04 -18.49
C PRO A 18 13.03 12.39 -18.23
N VAL A 19 12.70 12.22 -16.96
CA VAL A 19 11.47 11.51 -16.58
C VAL A 19 10.24 12.21 -17.13
N SER A 20 10.19 13.54 -17.14
CA SER A 20 9.02 14.23 -17.61
C SER A 20 8.79 13.85 -19.12
N ASP A 21 9.89 13.79 -19.87
CA ASP A 21 9.82 13.40 -21.28
C ASP A 21 9.32 11.97 -21.47
N ARG A 22 9.76 11.06 -20.61
CA ARG A 22 9.27 9.72 -20.64
C ARG A 22 7.83 9.59 -20.29
N ALA A 23 7.40 10.29 -19.21
CA ALA A 23 6.02 10.21 -18.80
C ALA A 23 5.07 10.77 -19.87
N TRP A 24 5.42 11.95 -20.41
CA TRP A 24 4.59 12.51 -21.47
C TRP A 24 4.66 11.73 -22.74
N ALA A 25 5.76 11.04 -23.03
CA ALA A 25 5.82 10.13 -24.17
C ALA A 25 4.83 8.98 -24.02
N LEU A 26 4.72 8.42 -22.79
CA LEU A 26 3.78 7.38 -22.54
C LEU A 26 2.37 7.88 -22.78
N PHE A 27 2.03 9.04 -22.24
CA PHE A 27 0.73 9.65 -22.51
C PHE A 27 0.49 9.82 -23.98
N ARG A 28 1.40 10.48 -24.70
CA ARG A 28 1.18 10.80 -26.10
C ARG A 28 1.06 9.54 -26.95
N ALA A 29 1.85 8.52 -26.67
CA ALA A 29 1.77 7.26 -27.42
C ALA A 29 0.42 6.67 -27.30
N LEU A 30 -0.14 6.60 -26.12
CA LEU A 30 -1.48 6.07 -25.92
C LEU A 30 -2.58 6.99 -26.43
N ASP A 31 -2.46 8.27 -26.13
CA ASP A 31 -3.47 9.27 -26.56
C ASP A 31 -3.57 9.28 -28.07
N GLY A 32 -2.44 9.24 -28.75
CA GLY A 32 -2.43 9.36 -30.20
C GLY A 32 -3.00 8.14 -30.87
N LYS A 33 -3.28 7.03 -30.18
CA LYS A 33 -3.94 5.83 -30.68
C LYS A 33 -5.40 5.77 -30.28
N GLY A 34 -5.90 6.84 -29.65
CA GLY A 34 -7.30 6.91 -29.28
C GLY A 34 -7.64 6.10 -28.05
N LEU A 35 -6.60 5.72 -27.28
CA LEU A 35 -6.83 4.82 -26.15
C LEU A 35 -7.14 5.51 -24.84
N VAL A 36 -7.02 6.84 -24.83
CA VAL A 36 -7.25 7.59 -23.60
C VAL A 36 -8.42 8.55 -23.82
N PRO A 37 -9.54 8.32 -23.15
CA PRO A 37 -10.71 9.19 -23.43
C PRO A 37 -10.38 10.68 -23.18
N ASP A 38 -11.12 11.58 -23.85
CA ASP A 38 -10.98 12.98 -23.62
C ASP A 38 -11.15 13.30 -22.15
N GLY A 39 -10.25 14.13 -21.61
CA GLY A 39 -10.36 14.55 -20.23
C GLY A 39 -10.01 13.51 -19.20
N TYR A 40 -9.59 12.31 -19.61
CA TYR A 40 -9.39 11.20 -18.67
C TYR A 40 -8.35 11.43 -17.64
N VAL A 41 -7.13 11.73 -18.06
CA VAL A 41 -6.08 11.91 -17.03
C VAL A 41 -6.29 13.18 -16.19
N GLU A 42 -6.91 14.17 -16.82
CA GLU A 42 -7.16 15.43 -16.12
C GLU A 42 -8.22 15.16 -15.01
N GLY A 43 -9.18 14.28 -15.33
CA GLY A 43 -10.27 13.88 -14.35
C GLY A 43 -9.63 13.15 -13.21
N TRP A 44 -8.74 12.22 -13.47
CA TRP A 44 -8.06 11.52 -12.38
C TRP A 44 -7.25 12.48 -11.56
N LYS A 45 -6.52 13.42 -12.19
CA LYS A 45 -5.73 14.36 -11.45
C LYS A 45 -6.61 15.12 -10.43
N LYS A 46 -7.80 15.57 -10.91
CA LYS A 46 -8.74 16.28 -10.07
C LYS A 46 -9.19 15.36 -8.93
N THR A 47 -9.58 14.11 -9.20
CA THR A 47 -9.97 13.22 -8.13
C THR A 47 -8.88 13.09 -7.08
N PHE A 48 -7.63 12.86 -7.56
CA PHE A 48 -6.53 12.63 -6.66
C PHE A 48 -6.21 13.88 -5.83
N GLU A 49 -6.34 15.06 -6.40
CA GLU A 49 -6.03 16.32 -5.73
C GLU A 49 -7.14 16.81 -4.81
N GLU A 50 -8.39 16.67 -5.23
CA GLU A 50 -9.44 17.35 -4.53
C GLU A 50 -10.39 16.42 -3.80
N ASP A 51 -10.58 15.20 -4.24
CA ASP A 51 -11.58 14.33 -3.65
C ASP A 51 -10.98 13.37 -2.63
N PHE A 52 -9.95 12.65 -3.01
CA PHE A 52 -9.31 11.74 -2.10
C PHE A 52 -8.55 12.59 -1.09
N SER A 53 -8.89 12.49 0.20
CA SER A 53 -8.38 13.42 1.16
C SER A 53 -8.43 12.90 2.57
N PRO A 54 -7.43 13.21 3.39
CA PRO A 54 -7.50 12.81 4.78
C PRO A 54 -8.57 13.62 5.56
N ARG A 55 -9.13 14.68 4.98
CA ARG A 55 -10.25 15.34 5.67
C ARG A 55 -11.40 14.37 5.81
N ARG A 56 -11.55 13.42 4.88
CA ARG A 56 -12.61 12.42 4.98
C ARG A 56 -12.38 11.47 6.13
N GLY A 57 -11.19 10.87 6.23
CA GLY A 57 -10.91 10.04 7.36
C GLY A 57 -11.05 10.81 8.69
N ALA A 58 -10.66 12.07 8.73
CA ALA A 58 -10.85 12.87 9.92
C ALA A 58 -12.33 13.03 10.30
N GLU A 59 -13.20 13.21 9.34
CA GLU A 59 -14.65 13.27 9.53
C GLU A 59 -15.13 11.97 10.14
N LEU A 60 -14.65 10.84 9.64
CA LEU A 60 -15.03 9.54 10.19
C LEU A 60 -14.56 9.32 11.61
N VAL A 61 -13.37 9.77 11.94
CA VAL A 61 -12.87 9.66 13.30
C VAL A 61 -13.69 10.54 14.22
N ALA A 62 -13.94 11.78 13.84
CA ALA A 62 -14.74 12.65 14.69
C ALA A 62 -16.14 12.15 14.95
N ARG A 63 -16.74 11.56 13.94
CA ARG A 63 -18.06 10.95 14.09
C ARG A 63 -17.93 9.81 15.10
N ALA A 64 -16.95 8.89 14.91
CA ALA A 64 -16.76 7.80 15.81
C ALA A 64 -16.55 8.26 17.26
N TRP A 65 -15.80 9.33 17.45
CA TRP A 65 -15.55 9.82 18.75
C TRP A 65 -16.77 10.34 19.47
N THR A 66 -17.77 10.78 18.72
CA THR A 66 -18.94 11.46 19.30
C THR A 66 -20.19 10.61 19.18
N ASP A 67 -20.15 9.42 18.61
CA ASP A 67 -21.29 8.56 18.29
C ASP A 67 -20.91 7.14 18.51
N PRO A 68 -21.22 6.59 19.69
CA PRO A 68 -20.81 5.21 20.04
C PRO A 68 -21.28 4.19 19.05
N GLU A 69 -22.50 4.41 18.53
CA GLU A 69 -23.06 3.47 17.57
C GLU A 69 -22.26 3.44 16.29
N PHE A 70 -21.93 4.61 15.77
CA PHE A 70 -21.10 4.66 14.59
C PHE A 70 -19.70 4.10 14.84
N ARG A 71 -19.14 4.42 16.01
CA ARG A 71 -17.82 3.87 16.36
C ARG A 71 -17.87 2.31 16.17
N GLN A 72 -18.90 1.70 16.79
CA GLN A 72 -19.03 0.25 16.74
C GLN A 72 -19.12 -0.24 15.28
N LEU A 73 -19.89 0.46 14.47
CA LEU A 73 -20.03 0.10 13.09
C LEU A 73 -18.66 0.21 12.33
N LEU A 74 -18.01 1.32 12.54
CA LEU A 74 -16.70 1.59 11.91
C LEU A 74 -15.69 0.49 12.26
N LEU A 75 -15.72 0.02 13.50
CA LEU A 75 -14.76 -1.00 13.94
C LEU A 75 -15.16 -2.43 13.52
N THR A 76 -16.40 -2.70 13.18
CA THR A 76 -16.88 -4.02 12.87
C THR A 76 -17.10 -4.21 11.38
N ASP A 77 -17.52 -3.13 10.69
CA ASP A 77 -17.72 -3.18 9.26
C ASP A 77 -17.34 -1.81 8.70
N GLY A 78 -16.03 -1.62 8.54
CA GLY A 78 -15.55 -0.34 8.10
C GLY A 78 -16.07 0.05 6.75
N THR A 79 -16.20 -0.92 5.82
CA THR A 79 -16.71 -0.62 4.50
C THR A 79 -18.09 0.02 4.61
N ALA A 80 -18.96 -0.60 5.37
CA ALA A 80 -20.33 -0.10 5.52
C ALA A 80 -20.33 1.32 6.13
N ALA A 81 -19.53 1.56 7.14
CA ALA A 81 -19.47 2.84 7.76
C ALA A 81 -19.01 3.93 6.80
N VAL A 82 -17.96 3.62 6.05
CA VAL A 82 -17.42 4.56 5.06
C VAL A 82 -18.44 4.80 3.94
N ALA A 83 -19.13 3.76 3.53
CA ALA A 83 -20.15 3.89 2.52
C ALA A 83 -21.27 4.84 2.88
N GLN A 84 -21.59 4.95 4.17
CA GLN A 84 -22.64 5.88 4.62
C GLN A 84 -22.30 7.30 4.21
N TYR A 85 -21.02 7.62 4.22
CA TYR A 85 -20.55 8.92 3.86
C TYR A 85 -20.28 9.04 2.36
N GLY A 86 -20.35 7.96 1.61
CA GLY A 86 -20.05 7.98 0.21
C GLY A 86 -18.58 8.00 -0.13
N TYR A 87 -17.72 7.53 0.78
CA TYR A 87 -16.28 7.65 0.64
C TYR A 87 -15.57 6.36 0.22
N LEU A 88 -16.30 5.32 -0.19
CA LEU A 88 -15.63 4.23 -0.87
C LEU A 88 -15.08 4.70 -2.18
N GLY A 89 -14.04 4.05 -2.63
CA GLY A 89 -13.49 4.40 -3.95
C GLY A 89 -12.28 3.53 -4.29
N PRO A 90 -11.63 3.84 -5.43
CA PRO A 90 -10.43 3.19 -5.83
C PRO A 90 -9.42 3.09 -4.69
N GLN A 91 -8.88 1.87 -4.46
CA GLN A 91 -7.92 1.66 -3.40
C GLN A 91 -8.53 1.95 -2.02
N GLY A 92 -9.85 1.73 -1.91
CA GLY A 92 -10.56 1.98 -0.69
C GLY A 92 -11.93 1.36 -0.76
N GLU A 93 -12.01 0.09 -1.19
CA GLU A 93 -13.25 -0.61 -1.34
C GLU A 93 -13.55 -1.53 -0.21
N TYR A 94 -12.57 -2.03 0.49
CA TYR A 94 -12.72 -2.95 1.63
C TYR A 94 -11.94 -2.31 2.75
N ILE A 95 -12.63 -1.65 3.68
CA ILE A 95 -12.01 -0.87 4.71
C ILE A 95 -12.07 -1.54 6.07
N VAL A 96 -10.93 -1.55 6.78
CA VAL A 96 -10.85 -1.93 8.16
C VAL A 96 -10.22 -0.77 8.94
N ALA A 97 -10.95 -0.33 9.97
CA ALA A 97 -10.48 0.61 10.93
C ALA A 97 -9.91 -0.09 12.13
N VAL A 98 -8.78 0.33 12.62
CA VAL A 98 -8.09 -0.35 13.72
C VAL A 98 -7.98 0.63 14.88
N GLU A 99 -8.43 0.15 16.08
CA GLU A 99 -8.60 0.96 17.26
C GLU A 99 -7.40 1.07 18.16
N ASP A 100 -6.88 2.25 18.32
CA ASP A 100 -5.91 2.46 19.38
C ASP A 100 -6.60 2.42 20.77
N THR A 101 -5.86 2.00 21.76
CA THR A 101 -6.36 1.87 23.17
C THR A 101 -5.25 2.31 24.07
N PRO A 102 -5.55 2.41 25.39
CA PRO A 102 -4.49 2.76 26.29
C PRO A 102 -3.31 1.82 26.32
N THR A 103 -3.44 0.64 25.74
CA THR A 103 -2.28 -0.31 25.68
C THR A 103 -1.90 -0.73 24.27
N LEU A 104 -2.41 -0.09 23.24
CA LEU A 104 -2.15 -0.50 21.85
C LEU A 104 -2.09 0.75 20.97
N LYS A 105 -1.02 0.82 20.18
CA LYS A 105 -0.89 1.85 19.12
C LYS A 105 -0.74 1.10 17.81
N ASN A 106 -1.60 1.42 16.85
CA ASN A 106 -1.56 0.87 15.52
C ASN A 106 -0.90 1.81 14.54
N VAL A 107 -0.21 1.21 13.56
CA VAL A 107 0.53 1.93 12.50
C VAL A 107 0.39 1.13 11.22
N ILE A 108 0.23 1.84 10.07
CA ILE A 108 0.00 1.21 8.79
C ILE A 108 1.24 1.46 7.89
N VAL A 109 1.54 0.49 7.05
CA VAL A 109 2.55 0.56 6.03
C VAL A 109 2.16 -0.29 4.84
N CYS A 110 2.82 -0.12 3.71
CA CYS A 110 2.83 -1.09 2.60
C CYS A 110 4.30 -1.40 2.35
N SER A 111 4.84 -2.44 2.95
CA SER A 111 6.25 -2.69 2.82
C SER A 111 6.63 -3.02 1.41
N LEU A 112 5.73 -3.63 0.64
CA LEU A 112 5.99 -4.09 -0.69
C LEU A 112 5.91 -3.00 -1.77
N CSD A 113 5.27 -1.86 -1.45
CA CSD A 113 5.03 -0.78 -2.45
CB CSD A 113 4.16 -1.28 -3.63
SG CSD A 113 2.64 -2.06 -3.16
C CSD A 113 4.49 0.48 -1.79
O CSD A 113 5.29 1.36 -1.43
OD1 CSD A 113 1.95 -2.29 -4.47
OD2 CSD A 113 3.01 -3.38 -2.57
N SER A 114 3.17 0.65 -1.71
CA SER A 114 2.68 1.96 -1.24
C SER A 114 1.26 1.94 -0.83
N CSO A 115 0.67 0.77 -0.88
CA CSO A 115 -0.79 0.65 -0.72
CB CSO A 115 -1.15 -0.85 -0.68
SG CSO A 115 -0.27 -1.72 -1.99
C CSO A 115 -1.30 1.38 0.53
O CSO A 115 -0.76 1.30 1.63
OD CSO A 115 -0.96 -1.03 -3.40
N THR A 116 -2.39 2.10 0.30
CA THR A 116 -2.98 3.13 1.14
C THR A 116 -4.45 3.25 0.83
N ALA A 117 -5.27 3.54 1.85
CA ALA A 117 -6.71 3.80 1.64
C ALA A 117 -6.93 5.18 1.04
N TRP A 118 -6.67 5.31 -0.27
CA TRP A 118 -6.66 6.59 -0.94
C TRP A 118 -7.87 7.49 -0.65
N PRO A 119 -9.11 6.97 -0.73
CA PRO A 119 -10.21 7.95 -0.69
C PRO A 119 -10.36 8.64 0.59
N ILE A 120 -9.94 8.03 1.67
CA ILE A 120 -10.16 8.53 3.04
C ILE A 120 -8.88 9.04 3.72
N LEU A 121 -7.69 8.65 3.21
CA LEU A 121 -6.43 9.16 3.68
C LEU A 121 -5.74 10.12 2.73
N GLY A 122 -6.18 10.16 1.49
CA GLY A 122 -5.41 10.78 0.42
C GLY A 122 -4.32 9.88 -0.11
N LEU A 123 -3.82 10.19 -1.28
CA LEU A 123 -2.65 9.48 -1.80
C LEU A 123 -1.53 9.58 -0.81
N PRO A 124 -0.67 8.55 -0.70
CA PRO A 124 0.35 8.53 0.31
C PRO A 124 1.32 9.69 0.11
N PRO A 125 1.89 10.17 1.25
CA PRO A 125 2.95 11.12 1.18
C PRO A 125 4.28 10.40 0.72
N THR A 126 5.20 11.21 0.21
CA THR A 126 6.45 10.69 -0.26
C THR A 126 7.12 9.83 0.84
N TRP A 127 7.15 10.28 2.09
CA TRP A 127 7.83 9.58 3.11
C TRP A 127 7.28 8.14 3.35
N TYR A 128 5.97 7.98 3.17
CA TYR A 128 5.34 6.70 3.42
C TYR A 128 5.81 5.66 2.40
N LYS A 129 6.12 6.13 1.19
CA LYS A 129 6.60 5.30 0.10
C LYS A 129 8.12 5.14 0.17
N SER A 130 8.81 5.76 1.11
CA SER A 130 10.26 5.73 1.17
C SER A 130 10.72 4.34 1.53
N PHE A 131 11.91 4.00 1.02
CA PHE A 131 12.53 2.73 1.42
C PHE A 131 12.78 2.70 2.91
N GLU A 132 13.10 3.83 3.51
CA GLU A 132 13.38 3.87 4.94
C GLU A 132 12.12 3.42 5.74
N TYR A 133 10.95 3.97 5.39
CA TYR A 133 9.73 3.59 6.13
C TYR A 133 9.35 2.17 5.85
N ARG A 134 9.40 1.77 4.58
CA ARG A 134 9.05 0.43 4.16
C ARG A 134 9.91 -0.62 4.76
N ALA A 135 11.20 -0.37 4.93
CA ALA A 135 12.09 -1.34 5.55
C ALA A 135 11.97 -1.35 7.05
N ARG A 136 11.89 -0.18 7.68
CA ARG A 136 12.12 -0.08 9.11
C ARG A 136 10.87 -0.18 9.95
N VAL A 137 9.74 0.34 9.56
CA VAL A 137 8.63 0.43 10.53
C VAL A 137 8.14 -0.95 10.92
N VAL A 138 8.24 -1.98 10.07
CA VAL A 138 7.75 -3.27 10.50
CA VAL A 138 7.82 -3.31 10.42
C VAL A 138 8.66 -3.88 11.56
N ARG A 139 9.95 -3.55 11.60
CA ARG A 139 10.91 -4.13 12.50
C ARG A 139 11.16 -3.26 13.74
N GLU A 140 11.19 -1.96 13.59
CA GLU A 140 11.48 -1.07 14.71
C GLU A 140 10.55 0.12 14.72
N PRO A 141 9.26 -0.17 14.85
CA PRO A 141 8.30 0.91 14.81
C PRO A 141 8.44 1.91 15.92
N ARG A 142 8.87 1.46 17.12
CA ARG A 142 8.98 2.40 18.21
C ARG A 142 10.04 3.48 17.93
N LYS A 143 11.20 3.01 17.42
CA LYS A 143 12.26 3.94 17.08
C LYS A 143 11.88 4.83 15.90
N VAL A 144 11.23 4.25 14.89
CA VAL A 144 10.77 5.07 13.76
C VAL A 144 9.82 6.17 14.23
N LEU A 145 8.82 5.81 15.00
CA LEU A 145 7.89 6.83 15.48
C LEU A 145 8.61 7.84 16.33
N SER A 146 9.53 7.43 17.19
CA SER A 146 10.30 8.37 18.00
C SER A 146 11.06 9.38 17.16
N GLU A 147 11.74 8.87 16.14
CA GLU A 147 12.46 9.73 15.25
C GLU A 147 11.57 10.75 14.53
N MET A 148 10.34 10.33 14.22
CA MET A 148 9.38 11.15 13.59
C MET A 148 8.72 12.17 14.52
N GLY A 149 8.89 12.03 15.83
CA GLY A 149 8.31 12.97 16.82
C GLY A 149 7.22 12.40 17.69
N THR A 150 7.01 11.10 17.66
CA THR A 150 5.93 10.46 18.43
C THR A 150 6.55 9.44 19.39
N GLU A 151 6.49 9.76 20.68
CA GLU A 151 6.98 8.83 21.67
C GLU A 151 5.88 7.90 22.13
N ILE A 152 6.07 6.60 21.99
CA ILE A 152 5.13 5.65 22.43
C ILE A 152 5.85 4.99 23.59
N ALA A 153 5.20 5.12 24.72
CA ALA A 153 5.60 4.48 25.99
C ALA A 153 5.65 2.97 25.96
N SER A 154 6.61 2.49 26.80
CA SER A 154 6.80 1.06 26.96
C SER A 154 5.56 0.30 27.33
N ASP A 155 4.58 0.92 28.04
CA ASP A 155 3.33 0.15 28.37
C ASP A 155 2.37 -0.13 27.18
N ILE A 156 2.78 0.34 26.00
CA ILE A 156 1.94 0.27 24.83
C ILE A 156 2.52 -0.74 23.77
N GLU A 157 1.76 -1.77 23.42
CA GLU A 157 2.07 -2.66 22.31
C GLU A 157 1.91 -1.80 21.02
N ILE A 158 2.91 -1.85 20.14
CA ILE A 158 2.77 -1.32 18.81
C ILE A 158 2.40 -2.51 17.88
N ARG A 159 1.42 -2.26 17.03
CA ARG A 159 0.95 -3.22 16.09
C ARG A 159 1.05 -2.56 14.70
N VAL A 160 1.82 -3.16 13.82
CA VAL A 160 2.02 -2.68 12.45
C VAL A 160 1.16 -3.52 11.54
N TYR A 161 0.30 -2.86 10.75
CA TYR A 161 -0.47 -3.50 9.70
C TYR A 161 0.23 -3.28 8.36
N ASP A 162 0.65 -4.37 7.73
CA ASP A 162 1.29 -4.32 6.43
C ASP A 162 0.21 -4.57 5.39
N THR A 163 0.02 -3.62 4.48
CA THR A 163 -1.08 -3.59 3.52
C THR A 163 -0.73 -4.41 2.29
N THR A 164 -0.75 -5.72 2.46
CA THR A 164 -0.25 -6.70 1.50
C THR A 164 -1.29 -7.24 0.52
N ALA A 165 -2.59 -6.95 0.76
CA ALA A 165 -3.66 -7.47 -0.10
C ALA A 165 -4.60 -6.36 -0.42
N GLU A 166 -5.92 -6.62 -0.29
CA GLU A 166 -6.94 -5.61 -0.62
C GLU A 166 -7.53 -4.88 0.53
N THR A 167 -7.31 -5.35 1.77
CA THR A 167 -7.76 -4.56 2.91
C THR A 167 -7.08 -3.21 2.84
N ARG A 168 -7.83 -2.16 3.11
CA ARG A 168 -7.31 -0.80 3.19
C ARG A 168 -7.66 -0.25 4.54
N TYR A 169 -6.64 0.16 5.28
CA TYR A 169 -6.75 0.49 6.69
C TYR A 169 -6.80 1.98 7.02
N MET A 170 -7.45 2.29 8.12
CA MET A 170 -7.29 3.58 8.75
C MET A 170 -7.15 3.38 10.24
N VAL A 171 -6.36 4.18 10.93
CA VAL A 171 -6.28 4.11 12.35
C VAL A 171 -7.35 5.04 12.96
N LEU A 172 -8.04 4.48 13.99
CA LEU A 172 -8.90 5.28 14.85
C LEU A 172 -8.09 5.65 16.09
N PRO A 173 -7.53 6.86 16.17
CA PRO A 173 -6.68 7.18 17.30
C PRO A 173 -7.55 7.34 18.57
N GLN A 174 -6.92 7.25 19.72
CA GLN A 174 -7.61 7.63 20.96
C GLN A 174 -7.92 9.11 20.93
N ARG A 175 -9.00 9.45 21.58
CA ARG A 175 -9.41 10.84 21.67
C ARG A 175 -8.68 11.50 22.79
N PRO A 176 -7.98 12.63 22.57
CA PRO A 176 -7.19 13.21 23.64
C PRO A 176 -8.07 13.90 24.64
N ALA A 177 -7.55 13.94 25.87
CA ALA A 177 -8.12 14.78 26.93
C ALA A 177 -8.07 16.23 26.49
N GLY A 178 -9.01 17.02 26.98
CA GLY A 178 -9.05 18.41 26.70
C GLY A 178 -9.95 18.71 25.55
N THR A 179 -10.57 17.72 24.92
CA THR A 179 -11.51 17.90 23.81
C THR A 179 -12.93 17.60 24.16
N GLU A 180 -13.25 17.49 25.45
CA GLU A 180 -14.59 17.13 25.82
C GLU A 180 -15.59 18.16 25.33
N GLY A 181 -16.67 17.74 24.71
CA GLY A 181 -17.70 18.61 24.27
C GLY A 181 -17.39 19.36 22.96
N TRP A 182 -16.21 19.15 22.35
CA TRP A 182 -15.92 19.78 21.06
C TRP A 182 -16.93 19.32 20.04
N SER A 183 -17.15 20.18 19.07
CA SER A 183 -17.96 19.83 17.91
C SER A 183 -17.18 18.91 16.98
N GLN A 184 -17.95 18.24 16.15
CA GLN A 184 -17.31 17.37 15.10
C GLN A 184 -16.30 18.14 14.23
N GLU A 185 -16.61 19.37 13.92
CA GLU A 185 -15.69 20.19 13.14
C GLU A 185 -14.39 20.50 13.90
N GLN A 186 -14.53 20.84 15.18
CA GLN A 186 -13.40 21.02 15.98
C GLN A 186 -12.49 19.79 16.15
N LEU A 187 -13.14 18.67 16.35
CA LEU A 187 -12.41 17.39 16.47
C LEU A 187 -11.71 17.02 15.17
N GLN A 188 -12.40 17.19 14.05
CA GLN A 188 -11.82 16.84 12.73
C GLN A 188 -10.48 17.57 12.53
N GLU A 189 -10.43 18.83 12.98
CA GLU A 189 -9.24 19.65 12.72
C GLU A 189 -7.97 19.07 13.30
N ILE A 190 -8.09 18.29 14.38
CA ILE A 190 -6.91 17.76 15.00
C ILE A 190 -6.58 16.33 14.54
N VAL A 191 -7.43 15.72 13.71
CA VAL A 191 -7.12 14.40 13.17
C VAL A 191 -6.44 14.64 11.84
N THR A 192 -5.13 14.53 11.82
CA THR A 192 -4.34 14.78 10.63
C THR A 192 -4.13 13.49 9.85
N LYS A 193 -3.57 13.66 8.64
CA LYS A 193 -3.19 12.55 7.82
C LYS A 193 -2.28 11.57 8.60
N ASP A 194 -1.32 12.10 9.32
CA ASP A 194 -0.42 11.21 10.04
C ASP A 194 -1.10 10.49 11.19
N CYS A 195 -2.16 11.06 11.76
CA CYS A 195 -2.95 10.32 12.73
C CYS A 195 -3.66 9.14 12.11
N LEU A 196 -4.17 9.31 10.89
CA LEU A 196 -4.88 8.22 10.20
C LEU A 196 -3.94 7.07 9.79
N ILE A 197 -2.69 7.42 9.41
CA ILE A 197 -1.69 6.43 9.08
C ILE A 197 -1.19 5.72 10.35
N GLY A 198 -1.15 6.47 11.45
CA GLY A 198 -0.82 5.94 12.75
C GLY A 198 0.51 6.37 13.35
N VAL A 199 1.26 7.22 12.62
CA VAL A 199 2.53 7.70 13.11
C VAL A 199 2.45 8.90 14.05
N ALA A 200 1.28 9.54 14.12
CA ALA A 200 1.06 10.67 15.00
C ALA A 200 -0.14 10.42 15.86
N ILE A 201 -0.13 11.09 17.03
CA ILE A 201 -1.28 11.13 17.94
C ILE A 201 -1.89 12.51 17.84
N PRO A 202 -3.24 12.61 17.83
CA PRO A 202 -3.90 13.91 17.78
C PRO A 202 -3.48 14.84 18.91
N GLN A 203 -3.16 16.08 18.57
CA GLN A 203 -2.62 17.08 19.49
C GLN A 203 -3.68 18.11 19.81
N VAL A 204 -3.75 18.50 21.09
CA VAL A 204 -4.68 19.50 21.51
C VAL A 204 -3.81 20.74 21.88
N PRO A 205 -4.16 21.91 21.36
CA PRO A 205 -3.41 23.13 21.72
C PRO A 205 -3.59 23.51 23.21
N THR A 206 -2.90 24.55 23.70
CA THR A 206 -3.09 24.99 25.08
C THR A 206 -4.28 25.94 25.25
N MET B 1 8.30 -13.27 -5.65
CA MET B 1 9.62 -12.97 -6.23
C MET B 1 10.45 -12.31 -5.12
N ASP B 2 11.61 -12.90 -4.84
CA ASP B 2 12.48 -12.43 -3.76
C ASP B 2 13.34 -11.27 -4.22
N GLY B 3 12.66 -10.22 -4.66
CA GLY B 3 13.33 -9.07 -5.22
C GLY B 3 13.69 -8.06 -4.14
N VAL B 4 14.44 -7.01 -4.60
CA VAL B 4 14.86 -5.95 -3.68
C VAL B 4 13.67 -5.14 -3.21
N HIS B 5 12.51 -5.22 -3.89
CA HIS B 5 11.32 -4.54 -3.43
C HIS B 5 10.80 -5.05 -2.10
N ASP B 6 11.21 -6.26 -1.71
CA ASP B 6 10.73 -6.88 -0.47
C ASP B 6 11.61 -6.34 0.64
N LEU B 7 11.33 -5.11 1.05
CA LEU B 7 12.19 -4.34 1.92
C LEU B 7 11.98 -4.52 3.38
N ALA B 8 10.81 -5.00 3.82
CA ALA B 8 10.54 -5.07 5.26
C ALA B 8 11.63 -5.90 5.95
N GLY B 9 12.18 -5.33 7.02
CA GLY B 9 13.21 -5.95 7.76
C GLY B 9 14.63 -5.71 7.32
N VAL B 10 14.84 -5.11 6.13
CA VAL B 10 16.16 -4.76 5.71
C VAL B 10 16.75 -3.74 6.64
N GLN B 11 18.03 -3.92 7.00
CA GLN B 11 18.75 -3.04 7.93
C GLN B 11 19.79 -2.23 7.17
N GLY B 12 20.04 -1.04 7.70
CA GLY B 12 20.99 -0.11 7.16
C GLY B 12 20.43 1.20 6.66
N PHE B 13 19.09 1.32 6.48
CA PHE B 13 18.52 2.60 6.12
C PHE B 13 18.56 3.57 7.28
N GLY B 14 18.62 4.85 6.92
CA GLY B 14 18.55 5.99 7.81
C GLY B 14 17.17 6.42 8.19
N LYS B 15 17.09 7.69 8.64
CA LYS B 15 15.85 8.20 9.10
C LYS B 15 14.79 8.28 8.01
N VAL B 16 13.55 8.08 8.35
CA VAL B 16 12.44 8.35 7.49
C VAL B 16 12.44 9.84 7.24
N PRO B 17 12.25 10.30 6.00
CA PRO B 17 12.38 11.74 5.71
C PRO B 17 11.08 12.47 6.00
N HIS B 18 10.69 12.52 7.27
CA HIS B 18 9.48 13.20 7.73
C HIS B 18 9.49 13.37 9.26
N THR B 19 8.93 14.44 9.73
CA THR B 19 8.52 14.58 11.09
C THR B 19 7.02 14.83 11.11
N VAL B 20 6.38 14.33 12.17
CA VAL B 20 4.94 14.27 12.15
C VAL B 20 4.33 15.62 11.90
N ASN B 21 3.29 15.59 11.07
CA ASN B 21 2.54 16.73 10.66
C ASN B 21 3.30 17.78 9.90
N ALA B 22 4.47 17.44 9.42
CA ALA B 22 5.19 18.38 8.60
C ALA B 22 4.46 18.52 7.29
N ASP B 23 4.68 19.66 6.61
CA ASP B 23 4.14 19.96 5.32
C ASP B 23 4.66 18.93 4.31
N ILE B 24 3.78 18.28 3.63
CA ILE B 24 4.19 17.30 2.56
C ILE B 24 4.13 17.88 1.17
N GLY B 25 3.70 19.11 1.11
CA GLY B 25 3.61 19.80 -0.17
C GLY B 25 2.34 19.31 -0.91
N PRO B 26 2.22 19.68 -2.18
CA PRO B 26 1.02 19.32 -2.94
C PRO B 26 0.96 17.81 -3.22
N THR B 27 -0.19 17.35 -3.63
CA THR B 27 -0.31 15.96 -3.97
C THR B 27 0.73 15.52 -5.03
N PHE B 28 0.88 16.33 -6.07
CA PHE B 28 1.82 16.07 -7.15
C PHE B 28 2.87 17.20 -7.11
N HIS B 29 4.14 16.81 -7.08
CA HIS B 29 5.26 17.70 -7.08
C HIS B 29 5.85 17.99 -8.41
N ALA B 30 5.31 17.42 -9.46
CA ALA B 30 5.68 17.76 -10.82
C ALA B 30 4.48 17.55 -11.68
N GLU B 31 4.47 18.22 -12.85
CA GLU B 31 3.30 18.25 -13.70
C GLU B 31 3.01 16.92 -14.38
N TRP B 32 3.91 15.93 -14.36
CA TRP B 32 3.66 14.63 -14.97
C TRP B 32 3.23 13.60 -13.97
N GLU B 33 3.27 13.88 -12.66
CA GLU B 33 3.21 12.81 -11.67
C GLU B 33 1.87 12.14 -11.54
N HIS B 34 0.77 12.76 -12.02
CA HIS B 34 -0.54 12.08 -12.07
C HIS B 34 -0.66 11.08 -13.20
N LEU B 35 0.30 11.12 -14.13
CA LEU B 35 0.18 10.24 -15.31
C LEU B 35 0.29 8.77 -15.02
N PRO B 36 1.27 8.32 -14.16
CA PRO B 36 1.37 6.87 -14.00
C PRO B 36 0.10 6.21 -13.47
N TYR B 37 -0.48 6.78 -12.42
CA TYR B 37 -1.73 6.19 -11.91
C TYR B 37 -2.87 6.32 -12.90
N SER B 38 -3.00 7.46 -13.51
CA SER B 38 -4.11 7.69 -14.47
C SER B 38 -4.01 6.69 -15.58
N LEU B 39 -2.81 6.48 -16.13
CA LEU B 39 -2.62 5.59 -17.26
C LEU B 39 -2.68 4.12 -16.84
N MET B 40 -2.28 3.83 -15.60
CA MET B 40 -2.59 2.48 -15.06
C MET B 40 -4.10 2.23 -15.14
N PHE B 41 -4.90 3.16 -14.65
CA PHE B 41 -6.34 2.97 -14.70
C PHE B 41 -6.89 2.92 -16.10
N ALA B 42 -6.33 3.75 -17.00
CA ALA B 42 -6.72 3.57 -18.41
C ALA B 42 -6.49 2.12 -18.86
N GLY B 43 -5.30 1.59 -18.54
CA GLY B 43 -4.99 0.22 -18.90
C GLY B 43 -5.93 -0.78 -18.28
N VAL B 44 -6.24 -0.62 -17.02
CA VAL B 44 -7.07 -1.61 -16.30
C VAL B 44 -8.55 -1.52 -16.72
N ALA B 45 -9.07 -0.30 -16.59
CA ALA B 45 -10.52 -0.08 -16.75
C ALA B 45 -10.99 0.25 -18.15
N GLU B 46 -10.21 0.93 -18.95
CA GLU B 46 -10.60 1.36 -20.27
C GLU B 46 -10.12 0.38 -21.36
N LEU B 47 -8.88 -0.02 -21.33
CA LEU B 47 -8.34 -0.93 -22.32
C LEU B 47 -8.59 -2.35 -21.92
N GLY B 48 -8.71 -2.64 -20.63
CA GLY B 48 -8.76 -4.05 -20.17
C GLY B 48 -7.45 -4.81 -20.46
N ALA B 49 -6.34 -4.10 -20.54
CA ALA B 49 -5.10 -4.70 -21.02
C ALA B 49 -4.35 -5.45 -19.93
N PHE B 50 -4.60 -5.08 -18.68
CA PHE B 50 -3.85 -5.68 -17.54
C PHE B 50 -4.62 -5.37 -16.27
N SER B 51 -4.24 -6.08 -15.20
CA SER B 51 -4.77 -5.94 -13.87
C SER B 51 -3.84 -5.00 -13.04
N VAL B 52 -4.29 -4.52 -11.89
CA VAL B 52 -3.40 -3.80 -10.97
C VAL B 52 -2.30 -4.74 -10.50
N ASP B 53 -2.62 -6.03 -10.32
CA ASP B 53 -1.60 -6.99 -9.91
C ASP B 53 -0.42 -7.04 -10.85
N GLU B 54 -0.71 -7.00 -12.17
CA GLU B 54 0.34 -6.97 -13.18
C GLU B 54 1.17 -5.72 -13.06
N VAL B 55 0.61 -4.59 -12.65
CA VAL B 55 1.39 -3.39 -12.39
C VAL B 55 2.31 -3.56 -11.22
N LYS B 56 1.81 -4.14 -10.12
CA LYS B 56 2.72 -4.40 -8.99
C LYS B 56 3.86 -5.27 -9.41
N TYR B 57 3.59 -6.35 -10.15
CA TYR B 57 4.64 -7.25 -10.56
C TYR B 57 5.61 -6.64 -11.52
N VAL B 58 5.16 -5.84 -12.52
CA VAL B 58 6.09 -5.28 -13.48
C VAL B 58 7.07 -4.34 -12.80
N VAL B 59 6.60 -3.62 -11.73
CA VAL B 59 7.51 -2.77 -10.94
C VAL B 59 8.50 -3.65 -10.18
N GLU B 60 8.10 -4.79 -9.64
CA GLU B 60 8.99 -5.76 -9.03
C GLU B 60 10.05 -6.26 -10.02
N ARG B 61 9.72 -6.25 -11.31
CA ARG B 61 10.59 -6.73 -12.35
C ARG B 61 11.57 -5.66 -12.85
N MET B 62 11.54 -4.43 -12.35
CA MET B 62 12.62 -3.53 -12.67
C MET B 62 13.96 -4.16 -12.33
N GLU B 63 14.97 -3.93 -13.12
CA GLU B 63 16.30 -4.40 -12.77
C GLU B 63 16.62 -3.87 -11.35
N PRO B 64 17.28 -4.65 -10.49
CA PRO B 64 17.29 -4.28 -9.07
C PRO B 64 17.97 -2.92 -8.79
N ARG B 65 19.13 -2.66 -9.39
CA ARG B 65 19.76 -1.37 -9.20
CA ARG B 65 19.77 -1.38 -9.20
C ARG B 65 18.89 -0.23 -9.70
N HIS B 66 18.23 -0.46 -10.85
CA HIS B 66 17.31 0.52 -11.42
C HIS B 66 16.18 0.82 -10.43
N TYR B 67 15.60 -0.20 -9.86
CA TYR B 67 14.53 -0.02 -8.85
C TYR B 67 15.07 0.89 -7.69
N MET B 68 16.24 0.57 -7.20
CA MET B 68 16.77 1.23 -6.00
C MET B 68 17.09 2.68 -6.19
N MET B 69 17.33 3.11 -7.44
CA MET B 69 17.66 4.54 -7.69
CA MET B 69 17.70 4.52 -7.75
C MET B 69 16.53 5.29 -8.33
N THR B 70 15.37 4.72 -8.48
CA THR B 70 14.28 5.37 -9.17
C THR B 70 13.21 5.86 -8.21
N PRO B 71 12.83 7.15 -8.31
CA PRO B 71 11.74 7.67 -7.49
C PRO B 71 10.45 6.93 -7.73
N TYR B 72 9.61 6.87 -6.71
CA TYR B 72 8.36 6.15 -6.72
C TYR B 72 7.55 6.33 -8.01
N TYR B 73 7.13 7.57 -8.32
CA TYR B 73 6.18 7.72 -9.44
C TYR B 73 6.87 7.32 -10.76
N GLU B 74 8.15 7.52 -10.89
CA GLU B 74 8.87 7.11 -12.07
C GLU B 74 8.85 5.58 -12.24
N ARG B 75 8.90 4.82 -11.12
CA ARG B 75 8.81 3.37 -11.26
C ARG B 75 7.50 2.99 -11.95
N TYR B 76 6.43 3.68 -11.68
CA TYR B 76 5.16 3.34 -12.30
C TYR B 76 5.05 3.83 -13.72
N VAL B 77 5.70 4.90 -14.10
CA VAL B 77 5.84 5.26 -15.50
C VAL B 77 6.52 4.12 -16.23
N ILE B 78 7.67 3.66 -15.74
CA ILE B 78 8.39 2.56 -16.32
C ILE B 78 7.55 1.31 -16.37
N GLY B 79 6.86 0.98 -15.28
CA GLY B 79 6.08 -0.23 -15.26
C GLY B 79 4.91 -0.22 -16.20
N VAL B 80 4.11 0.84 -16.23
CA VAL B 80 2.98 0.89 -17.16
C VAL B 80 3.49 0.89 -18.58
N ALA B 81 4.53 1.61 -18.90
CA ALA B 81 5.13 1.55 -20.25
C ALA B 81 5.52 0.15 -20.60
N THR B 82 6.17 -0.57 -19.71
CA THR B 82 6.59 -1.90 -19.95
C THR B 82 5.39 -2.80 -20.29
N LEU B 83 4.35 -2.73 -19.51
CA LEU B 83 3.15 -3.55 -19.78
C LEU B 83 2.55 -3.20 -21.15
N MET B 84 2.54 -1.92 -21.51
CA MET B 84 1.98 -1.57 -22.79
C MET B 84 2.79 -2.19 -23.91
N VAL B 85 4.11 -2.24 -23.78
CA VAL B 85 4.93 -2.91 -24.78
C VAL B 85 4.72 -4.42 -24.79
N GLU B 86 4.74 -5.01 -23.60
CA GLU B 86 4.58 -6.46 -23.52
C GLU B 86 3.22 -6.94 -24.07
N LYS B 87 2.21 -6.15 -23.89
CA LYS B 87 0.88 -6.47 -24.35
C LYS B 87 0.70 -6.14 -25.83
N GLY B 88 1.68 -5.55 -26.50
CA GLY B 88 1.59 -5.23 -27.90
C GLY B 88 0.84 -3.98 -28.25
N ILE B 89 0.54 -3.14 -27.28
CA ILE B 89 -0.16 -1.88 -27.44
C ILE B 89 0.73 -0.81 -27.95
N LEU B 90 1.95 -0.75 -27.41
CA LEU B 90 2.95 0.21 -27.80
C LEU B 90 4.24 -0.54 -28.15
N THR B 91 5.10 0.16 -28.83
CA THR B 91 6.48 -0.29 -29.06
C THR B 91 7.47 0.51 -28.25
N GLN B 92 8.59 -0.10 -27.90
CA GLN B 92 9.64 0.66 -27.23
C GLN B 92 10.20 1.73 -28.16
N ASP B 93 10.28 1.45 -29.50
CA ASP B 93 10.74 2.43 -30.46
C ASP B 93 9.91 3.70 -30.40
N GLU B 94 8.57 3.55 -30.39
CA GLU B 94 7.78 4.76 -30.41
C GLU B 94 7.91 5.54 -29.07
N LEU B 95 8.03 4.80 -27.93
CA LEU B 95 8.24 5.46 -26.65
C LEU B 95 9.52 6.26 -26.67
N GLU B 96 10.61 5.67 -27.16
CA GLU B 96 11.89 6.37 -27.16
C GLU B 96 11.93 7.52 -28.15
N SER B 97 11.24 7.33 -29.31
CA SER B 97 11.15 8.39 -30.29
C SER B 97 10.41 9.62 -29.73
N LEU B 98 9.27 9.37 -29.08
CA LEU B 98 8.51 10.42 -28.45
C LEU B 98 9.29 11.03 -27.28
N ALA B 99 9.99 10.21 -26.48
CA ALA B 99 10.72 10.71 -25.35
C ALA B 99 11.97 11.47 -25.73
N GLY B 100 12.48 11.26 -26.93
CA GLY B 100 13.73 11.84 -27.38
C GLY B 100 14.95 11.23 -26.77
N GLY B 101 14.91 9.99 -26.34
CA GLY B 101 16.04 9.36 -25.73
C GLY B 101 15.65 8.01 -25.11
N PRO B 102 16.59 7.45 -24.32
CA PRO B 102 16.41 6.12 -23.80
C PRO B 102 15.28 5.99 -22.82
N PHE B 103 14.57 4.91 -22.91
CA PHE B 103 13.45 4.59 -22.06
C PHE B 103 13.55 3.10 -21.68
N PRO B 104 14.54 2.74 -20.86
CA PRO B 104 14.67 1.36 -20.45
C PRO B 104 13.46 0.93 -19.64
N LEU B 105 13.07 -0.34 -19.79
CA LEU B 105 11.87 -0.92 -19.26
C LEU B 105 12.19 -1.94 -18.18
N SER B 106 11.19 -2.45 -17.51
CA SER B 106 11.42 -3.58 -16.60
C SER B 106 11.88 -4.77 -17.36
N ARG B 107 12.53 -5.73 -16.68
CA ARG B 107 13.01 -6.94 -17.28
C ARG B 107 11.85 -7.89 -17.54
N PRO B 108 12.01 -8.78 -18.55
CA PRO B 108 11.03 -9.82 -18.75
C PRO B 108 10.84 -10.67 -17.57
N SER B 109 9.62 -11.20 -17.41
CA SER B 109 9.33 -12.14 -16.34
C SER B 109 10.12 -13.42 -16.54
N GLU B 110 10.56 -13.98 -15.43
CA GLU B 110 11.22 -15.31 -15.41
C GLU B 110 10.35 -16.39 -14.90
N SER B 111 9.09 -16.12 -14.68
CA SER B 111 8.09 -17.12 -14.25
C SER B 111 6.79 -16.87 -15.01
N GLU B 112 6.10 -17.95 -15.33
CA GLU B 112 4.76 -17.88 -15.90
C GLU B 112 3.70 -17.75 -14.80
N GLY B 113 4.09 -17.63 -13.55
CA GLY B 113 3.10 -17.56 -12.50
C GLY B 113 2.64 -18.93 -12.03
N ARG B 114 1.65 -18.95 -11.18
CA ARG B 114 1.08 -20.22 -10.74
C ARG B 114 -0.40 -20.01 -10.47
N PRO B 115 -1.18 -21.13 -10.54
CA PRO B 115 -2.61 -21.04 -10.33
C PRO B 115 -2.99 -20.79 -8.91
N ALA B 116 -4.24 -20.35 -8.67
CA ALA B 116 -4.79 -20.43 -7.32
C ALA B 116 -4.69 -21.86 -6.81
N PRO B 117 -4.20 -22.07 -5.58
CA PRO B 117 -4.02 -23.44 -5.06
C PRO B 117 -5.37 -24.17 -5.07
N VAL B 118 -5.32 -25.44 -5.41
CA VAL B 118 -6.53 -26.28 -5.38
C VAL B 118 -6.98 -26.61 -3.96
N GLU B 119 -6.02 -26.87 -3.08
CA GLU B 119 -6.29 -27.30 -1.71
C GLU B 119 -5.93 -26.20 -0.74
N THR B 120 -6.91 -25.63 -0.11
CA THR B 120 -6.79 -24.61 0.89
C THR B 120 -7.83 -24.91 1.97
N THR B 121 -7.75 -24.13 3.05
CA THR B 121 -8.54 -24.27 4.24
C THR B 121 -9.19 -22.95 4.60
N THR B 122 -10.44 -23.02 5.00
CA THR B 122 -11.13 -21.86 5.54
C THR B 122 -10.80 -21.76 7.04
N PHE B 123 -10.11 -20.69 7.42
CA PHE B 123 -9.72 -20.48 8.76
C PHE B 123 -10.68 -19.61 9.48
N GLU B 124 -10.68 -19.70 10.80
CA GLU B 124 -11.52 -18.94 11.69
C GLU B 124 -10.69 -18.00 12.54
N VAL B 125 -11.30 -16.93 12.95
CA VAL B 125 -10.73 -16.03 13.91
C VAL B 125 -10.23 -16.79 15.14
N GLY B 126 -9.02 -16.52 15.59
CA GLY B 126 -8.40 -17.15 16.70
C GLY B 126 -7.56 -18.37 16.41
N GLN B 127 -7.72 -18.93 15.25
CA GLN B 127 -6.92 -20.09 14.83
C GLN B 127 -5.49 -19.73 14.53
N ARG B 128 -4.63 -20.69 14.78
CA ARG B 128 -3.19 -20.57 14.52
C ARG B 128 -2.84 -21.12 13.16
N VAL B 129 -2.12 -20.32 12.36
CA VAL B 129 -1.75 -20.70 11.02
C VAL B 129 -0.27 -20.48 10.80
N ARG B 130 0.25 -21.22 9.90
CA ARG B 130 1.62 -21.02 9.42
C ARG B 130 1.59 -20.57 7.96
N VAL B 131 2.50 -19.65 7.63
CA VAL B 131 2.67 -19.27 6.25
C VAL B 131 3.42 -20.36 5.54
N ARG B 132 2.89 -20.85 4.44
CA ARG B 132 3.47 -21.93 3.75
C ARG B 132 4.92 -21.63 3.37
N ASP B 133 5.77 -22.63 3.61
CA ASP B 133 7.22 -22.51 3.34
C ASP B 133 7.47 -22.83 1.89
N GLU B 134 7.16 -21.87 1.02
CA GLU B 134 7.20 -21.99 -0.42
C GLU B 134 7.95 -20.82 -0.98
N TYR B 135 8.56 -21.05 -2.12
CA TYR B 135 9.29 -20.01 -2.87
C TYR B 135 8.68 -19.86 -4.26
N VAL B 136 8.25 -18.67 -4.55
CA VAL B 136 7.52 -18.34 -5.76
C VAL B 136 8.35 -17.32 -6.54
N PRO B 137 8.85 -17.67 -7.71
CA PRO B 137 9.69 -16.77 -8.47
C PRO B 137 8.96 -15.58 -9.09
N GLY B 138 7.70 -15.80 -9.44
CA GLY B 138 6.84 -14.77 -9.95
C GLY B 138 6.19 -14.00 -8.84
N HIS B 139 5.11 -13.30 -9.15
CA HIS B 139 4.49 -12.42 -8.20
C HIS B 139 3.89 -13.16 -7.02
N ILE B 140 4.00 -12.61 -5.83
CA ILE B 140 3.35 -13.17 -4.65
C ILE B 140 3.16 -12.01 -3.66
N ARG B 141 2.05 -11.96 -2.96
CA ARG B 141 1.77 -10.93 -2.00
C ARG B 141 2.06 -11.43 -0.55
N MET B 142 3.23 -12.01 -0.40
CA MET B 142 3.73 -12.50 0.84
C MET B 142 5.16 -11.91 1.05
N PRO B 143 5.33 -10.98 1.96
CA PRO B 143 6.69 -10.52 2.23
C PRO B 143 7.49 -11.58 2.92
N ALA B 144 8.78 -11.73 2.56
CA ALA B 144 9.52 -12.88 3.03
C ALA B 144 9.66 -12.93 4.52
N TYR B 145 9.58 -11.85 5.25
CA TYR B 145 9.71 -11.89 6.70
C TYR B 145 8.69 -12.83 7.35
N CYS B 146 7.56 -13.15 6.70
CA CYS B 146 6.59 -14.05 7.32
C CYS B 146 6.61 -15.46 6.75
N ARG B 147 7.41 -15.77 5.75
CA ARG B 147 7.43 -17.11 5.22
C ARG B 147 7.79 -18.08 6.32
N GLY B 148 7.00 -19.18 6.45
CA GLY B 148 7.25 -20.21 7.45
C GLY B 148 6.92 -19.85 8.88
N ARG B 149 6.41 -18.64 9.12
CA ARG B 149 6.19 -18.21 10.48
C ARG B 149 4.72 -18.46 10.90
N VAL B 150 4.50 -18.45 12.21
CA VAL B 150 3.20 -18.79 12.76
C VAL B 150 2.58 -17.57 13.43
N GLY B 151 1.28 -17.41 13.19
CA GLY B 151 0.54 -16.38 13.79
C GLY B 151 -0.90 -16.74 13.95
N THR B 152 -1.73 -15.80 14.38
CA THR B 152 -3.15 -16.11 14.61
CA THR B 152 -3.14 -16.00 14.79
C THR B 152 -4.06 -15.23 13.83
N ILE B 153 -5.16 -15.85 13.38
CA ILE B 153 -6.12 -15.14 12.57
C ILE B 153 -6.90 -14.09 13.38
N SER B 154 -6.87 -12.82 12.93
CA SER B 154 -7.62 -11.73 13.50
CA SER B 154 -7.69 -11.82 13.55
C SER B 154 -8.89 -11.40 12.69
N HIS B 155 -8.93 -11.78 11.41
CA HIS B 155 -10.02 -11.43 10.47
C HIS B 155 -9.94 -12.36 9.29
N ARG B 156 -11.10 -12.81 8.80
CA ARG B 156 -11.25 -13.39 7.48
C ARG B 156 -12.09 -12.42 6.65
N THR B 157 -11.63 -11.96 5.52
CA THR B 157 -12.42 -11.06 4.74
C THR B 157 -13.74 -11.65 4.31
N THR B 158 -14.72 -10.78 4.17
CA THR B 158 -16.06 -11.15 3.73
C THR B 158 -16.16 -11.07 2.22
N GLU B 159 -15.11 -10.65 1.55
CA GLU B 159 -15.00 -10.61 0.08
C GLU B 159 -13.85 -11.52 -0.31
N LYS B 160 -13.80 -11.83 -1.58
CA LYS B 160 -12.76 -12.62 -2.16
C LYS B 160 -12.18 -11.98 -3.39
N TRP B 161 -10.93 -12.32 -3.70
CA TRP B 161 -10.21 -11.66 -4.82
C TRP B 161 -9.38 -12.69 -5.60
N PRO B 162 -9.01 -12.38 -6.80
CA PRO B 162 -8.15 -13.27 -7.57
C PRO B 162 -6.78 -13.45 -6.89
N PHE B 163 -6.26 -14.67 -6.98
CA PHE B 163 -4.95 -15.01 -6.42
C PHE B 163 -3.88 -14.22 -7.13
N PRO B 164 -3.08 -13.41 -6.41
CA PRO B 164 -2.10 -12.51 -7.06
C PRO B 164 -1.10 -13.24 -7.94
N ASP B 165 -0.72 -14.45 -7.51
CA ASP B 165 0.34 -15.17 -8.17
C ASP B 165 -0.04 -15.63 -9.56
N ALA B 166 -1.36 -15.64 -9.81
CA ALA B 166 -1.93 -15.94 -11.13
C ALA B 166 -2.30 -14.65 -11.86
N ILE B 167 -3.12 -13.80 -11.29
CA ILE B 167 -3.59 -12.61 -12.01
C ILE B 167 -2.46 -11.65 -12.25
N GLY B 168 -1.43 -11.61 -11.43
CA GLY B 168 -0.26 -10.77 -11.64
C GLY B 168 0.56 -11.15 -12.83
N HIS B 169 0.28 -12.32 -13.40
CA HIS B 169 0.90 -12.79 -14.66
C HIS B 169 -0.13 -12.83 -15.77
N GLY B 170 -1.33 -12.28 -15.57
CA GLY B 170 -2.36 -12.28 -16.61
C GLY B 170 -2.91 -13.67 -16.89
N ARG B 171 -2.85 -14.58 -15.96
CA ARG B 171 -3.35 -15.93 -16.15
C ARG B 171 -4.86 -15.98 -16.03
N ASN B 172 -5.43 -17.08 -16.54
CA ASN B 172 -6.88 -17.32 -16.47
C ASN B 172 -7.34 -18.11 -15.30
N ASP B 173 -6.41 -18.50 -14.41
CA ASP B 173 -6.72 -19.44 -13.34
C ASP B 173 -6.43 -18.91 -11.93
N ALA B 174 -6.73 -17.62 -11.78
CA ALA B 174 -6.58 -16.98 -10.49
C ALA B 174 -7.71 -17.25 -9.49
N GLY B 175 -8.86 -17.73 -9.94
CA GLY B 175 -9.93 -18.09 -9.04
C GLY B 175 -10.31 -16.92 -8.16
N GLU B 176 -10.66 -17.23 -6.94
CA GLU B 176 -10.88 -16.19 -5.91
C GLU B 176 -10.69 -16.81 -4.56
N GLU B 177 -10.17 -16.05 -3.63
CA GLU B 177 -9.93 -16.42 -2.28
C GLU B 177 -10.17 -15.27 -1.37
N PRO B 178 -10.60 -15.48 -0.12
CA PRO B 178 -10.53 -14.45 0.89
C PRO B 178 -9.06 -14.28 1.32
N THR B 179 -8.86 -13.21 2.04
CA THR B 179 -7.59 -13.04 2.73
C THR B 179 -7.80 -13.00 4.23
N TYR B 180 -6.71 -13.13 4.94
CA TYR B 180 -6.74 -13.22 6.42
C TYR B 180 -5.75 -12.25 7.01
N HIS B 181 -6.20 -11.53 8.04
CA HIS B 181 -5.32 -10.72 8.86
C HIS B 181 -4.66 -11.67 9.83
N VAL B 182 -3.38 -11.92 9.66
CA VAL B 182 -2.59 -12.82 10.46
C VAL B 182 -1.72 -12.01 11.39
N LYS B 183 -1.88 -12.14 12.70
CA LYS B 183 -1.11 -11.43 13.64
C LYS B 183 0.06 -12.25 14.10
N PHE B 184 1.26 -11.73 13.90
CA PHE B 184 2.51 -12.34 14.35
C PHE B 184 3.10 -11.56 15.47
N ALA B 185 3.61 -12.25 16.51
CA ALA B 185 4.43 -11.57 17.49
C ALA B 185 5.71 -11.04 16.84
N ALA B 186 6.17 -9.89 17.23
CA ALA B 186 7.39 -9.32 16.65
C ALA B 186 8.56 -10.30 16.78
N GLU B 187 8.65 -11.00 17.89
CA GLU B 187 9.74 -11.95 18.11
C GLU B 187 9.64 -13.15 17.20
N GLU B 188 8.46 -13.48 16.75
CA GLU B 188 8.34 -14.58 15.81
C GLU B 188 9.02 -14.23 14.47
N LEU B 189 9.01 -12.93 14.13
CA LEU B 189 9.51 -12.48 12.82
C LEU B 189 10.99 -12.07 12.86
N PHE B 190 11.42 -11.49 13.98
CA PHE B 190 12.73 -10.86 14.08
C PHE B 190 13.46 -11.24 15.37
N GLY B 191 13.03 -12.29 16.05
CA GLY B 191 13.76 -12.73 17.24
C GLY B 191 13.82 -11.57 18.25
N SER B 192 14.96 -11.44 18.85
CA SER B 192 15.23 -10.34 19.78
C SER B 192 15.46 -8.98 19.12
N ASP B 193 15.64 -9.00 17.81
CA ASP B 193 16.10 -7.79 17.08
C ASP B 193 14.89 -6.96 16.45
N THR B 194 14.14 -6.41 17.32
CA THR B 194 12.92 -5.66 17.07
C THR B 194 12.56 -4.89 18.31
N ASP B 195 11.87 -3.77 18.17
CA ASP B 195 11.36 -3.03 19.25
C ASP B 195 9.80 -2.99 19.24
N GLY B 196 9.18 -3.85 18.41
CA GLY B 196 7.74 -3.78 18.20
C GLY B 196 6.98 -4.78 19.05
N GLY B 197 5.70 -4.88 18.78
CA GLY B 197 4.80 -5.74 19.51
C GLY B 197 4.33 -6.86 18.63
N SER B 198 3.54 -6.48 17.65
CA SER B 198 3.00 -7.39 16.73
C SER B 198 2.94 -6.78 15.31
N VAL B 199 2.85 -7.67 14.34
CA VAL B 199 2.73 -7.27 12.94
C VAL B 199 1.60 -8.07 12.35
N VAL B 200 0.65 -7.44 11.66
CA VAL B 200 -0.48 -8.05 11.05
C VAL B 200 -0.30 -8.01 9.53
N VAL B 201 -0.23 -9.16 8.91
CA VAL B 201 -0.03 -9.29 7.47
C VAL B 201 -1.32 -9.80 6.86
N ASP B 202 -1.76 -9.22 5.73
CA ASP B 202 -3.04 -9.55 5.11
C ASP B 202 -2.75 -10.59 4.03
N LEU B 203 -2.98 -11.86 4.34
CA LEU B 203 -2.44 -12.98 3.57
C LEU B 203 -3.59 -13.75 2.85
N PHE B 204 -3.45 -13.96 1.59
CA PHE B 204 -4.34 -14.80 0.82
C PHE B 204 -4.40 -16.23 1.42
N GLU B 205 -5.61 -16.81 1.39
CA GLU B 205 -5.82 -18.16 1.95
C GLU B 205 -4.77 -19.15 1.43
N GLY B 206 -4.42 -19.07 0.16
CA GLY B 206 -3.52 -20.00 -0.46
C GLY B 206 -2.06 -19.85 -0.04
N TYR B 207 -1.75 -18.90 0.82
CA TYR B 207 -0.38 -18.80 1.40
C TYR B 207 -0.35 -19.45 2.75
N LEU B 208 -1.47 -19.97 3.27
CA LEU B 208 -1.58 -20.38 4.67
C LEU B 208 -1.87 -21.88 4.78
N GLU B 209 -1.50 -22.39 5.93
CA GLU B 209 -1.83 -23.81 6.29
C GLU B 209 -2.06 -23.83 7.81
N PRO B 210 -2.76 -24.88 8.31
CA PRO B 210 -2.90 -24.96 9.76
C PRO B 210 -1.55 -25.08 10.44
N ALA B 211 -1.42 -24.49 11.63
CA ALA B 211 -0.17 -24.59 12.38
C ALA B 211 -0.09 -25.99 12.95
N ALA B 212 1.12 -26.53 13.08
CA ALA B 212 1.41 -27.99 13.06
C ALA B 212 0.20 -28.91 13.26
FE FE C . 1.63 -0.67 -1.86
C TAN D . -0.18 -0.13 -4.00
N TAN D . 0.97 0.26 -3.52
C1 TAN D . -0.82 1.96 -5.21
C2 TAN D . -0.58 0.42 -5.35
C3 TAN D . 0.55 0.15 -6.34
C4 TAN D . -1.85 -0.20 -5.94
CL CL E . 17.44 -13.41 18.13
MG MG F . 14.35 -10.93 0.30
CL CL G . -4.28 -25.61 3.94
#